data_7FOG
#
_entry.id   7FOG
#
_cell.length_a   88.235
_cell.length_b   81.918
_cell.length_c   93.612
_cell.angle_alpha   90
_cell.angle_beta   108.13
_cell.angle_gamma   90
#
_symmetry.space_group_name_H-M   'C 1 2 1'
#
loop_
_entity.id
_entity.type
_entity.pdbx_description
1 polymer 'Pre-mRNA-splicing factor 8'
2 polymer 'A1 cistron-splicing factor AAR2'
3 non-polymer N~2~-[(1S)-1-(2,4-difluorophenyl)ethyl]-N-ethylglycinamide
4 non-polymer N~2~-[(1R)-1-(2,4-difluorophenyl)ethyl]-N-ethylglycinamide
5 water water
#
loop_
_entity_poly.entity_id
_entity_poly.type
_entity_poly.pdbx_seq_one_letter_code
_entity_poly.pdbx_strand_id
1 'polypeptide(L)'
;GAMNSSNYAELFNNDIKLFVDDTNVYRVTVHKTFEGNVATKAINGCIFTLNPKTGHLFLKIIHTSVWAGQKRLSQLAKWK
TAEEVSALVRSLPKEEQPKQIIVTRKAMLDPLEVHMLDFPNIAIRPTELRLPFSAAMSIDKLSDVVMKATEPQMVLFNIY
DDWLDRISSYTAFSRLTLLLRALKTNEESAKMILLSDPTITIKSYHLWPSFTDEQWITIESQMRDLILTEYGRKYNVNIS
ALTQTEIKDIILGQNIKA
;
A
2 'polypeptide(L)'
;GAMAMNTVPFTSAPIEVTIGIDQYSFNVKENQPFHGIKDIPIGHVHVIHFQHADNSSMRYGYWFDCRMGNFYIQYDPKDG
LYKMMEERDGAKFENIVHNFKERQMMVSYPKIDEDDTWYNLTEFVQMDKIRKIVRKDENQFSYVDSSMTTVQENELSSSS
SDPAHSLNYTVINFKSREAIRPGHEMEDFLDKSYYLNTVMLQGIFKNSSNYFGELQFAFLNAMFFGNYGSSLQWHAMIEL
ICSSATVPKHMLDKLDEILYYQIKTLPEQYSDILLNERVWNICLYSSFQKNSLHNTEKIMENKYPELL
;
B
#
# COMPACT_ATOMS: atom_id res chain seq x y z
N GLY A 1 -1.54 -0.99 -16.58
CA GLY A 1 -0.26 -0.85 -15.90
C GLY A 1 0.67 0.13 -16.60
N ALA A 2 1.96 -0.17 -16.60
CA ALA A 2 2.94 0.77 -17.10
C ALA A 2 2.87 0.88 -18.61
N MET A 3 3.24 2.06 -19.11
CA MET A 3 3.27 2.33 -20.53
C MET A 3 4.70 2.11 -21.03
N ASN A 4 4.84 1.39 -22.14
CA ASN A 4 6.17 0.98 -22.60
C ASN A 4 6.17 0.90 -24.13
N SER A 5 7.26 0.34 -24.69
CA SER A 5 7.38 0.24 -26.13
C SER A 5 6.32 -0.67 -26.73
N SER A 6 5.88 -1.68 -25.97
CA SER A 6 4.85 -2.59 -26.48
C SER A 6 3.55 -1.84 -26.77
N ASN A 7 3.16 -0.91 -25.90
CA ASN A 7 1.85 -0.27 -26.01
C ASN A 7 1.97 1.21 -26.34
N TYR A 8 2.79 1.54 -27.34
CA TYR A 8 3.14 2.93 -27.64
C TYR A 8 2.05 3.65 -28.44
N ALA A 9 1.40 2.98 -29.39
CA ALA A 9 0.33 3.62 -30.14
C ALA A 9 -0.88 3.97 -29.28
N GLU A 10 -0.98 3.41 -28.08
CA GLU A 10 -2.09 3.81 -27.21
C GLU A 10 -2.07 5.31 -26.96
N LEU A 11 -0.89 5.93 -27.04
CA LEU A 11 -0.80 7.37 -26.78
C LEU A 11 -1.60 8.18 -27.76
N PHE A 12 -1.86 7.65 -28.95
CA PHE A 12 -2.47 8.41 -30.03
C PHE A 12 -3.88 7.93 -30.36
N ASN A 13 -4.47 7.10 -29.50
CA ASN A 13 -5.87 6.75 -29.69
C ASN A 13 -6.75 7.89 -29.18
N ASN A 14 -8.04 7.64 -29.09
CA ASN A 14 -9.01 8.69 -28.84
C ASN A 14 -9.48 8.76 -27.39
N ASP A 15 -8.80 8.06 -26.48
CA ASP A 15 -9.04 8.20 -25.04
C ASP A 15 -8.14 9.34 -24.54
N ILE A 16 -8.74 10.34 -23.92
CA ILE A 16 -7.95 11.50 -23.51
C ILE A 16 -6.96 11.08 -22.44
N LYS A 17 -5.70 11.47 -22.61
CA LYS A 17 -4.68 11.18 -21.63
C LYS A 17 -3.69 12.32 -21.53
N LEU A 18 -3.04 12.43 -20.38
CA LEU A 18 -2.02 13.45 -20.15
C LEU A 18 -0.77 12.78 -19.59
N PHE A 19 0.39 13.20 -20.07
CA PHE A 19 1.64 12.97 -19.37
C PHE A 19 1.83 14.08 -18.34
N VAL A 20 2.37 13.73 -17.20
CA VAL A 20 2.77 14.73 -16.20
C VAL A 20 4.24 14.49 -15.90
N ASP A 21 5.06 15.52 -16.08
CA ASP A 21 6.46 15.48 -15.68
C ASP A 21 6.69 16.53 -14.61
N ASP A 22 7.24 16.09 -13.49
CA ASP A 22 7.53 16.95 -12.33
C ASP A 22 9.01 17.35 -12.18
N THR A 23 9.85 17.04 -13.17
N THR A 23 9.86 17.09 -13.19
CA THR A 23 11.28 17.22 -13.01
CA THR A 23 11.32 17.23 -12.99
C THR A 23 11.60 18.67 -12.66
C THR A 23 11.75 18.68 -12.89
N ASN A 24 10.92 19.61 -13.32
CA ASN A 24 11.27 21.01 -13.24
C ASN A 24 10.38 21.78 -12.27
N VAL A 25 9.73 21.09 -11.35
CA VAL A 25 8.88 21.77 -10.36
C VAL A 25 9.73 22.48 -9.31
N TYR A 26 10.65 21.74 -8.67
CA TYR A 26 11.53 22.29 -7.64
C TYR A 26 12.91 22.41 -8.26
N ARG A 27 13.36 23.65 -8.47
CA ARG A 27 14.63 23.94 -9.09
C ARG A 27 15.43 24.85 -8.18
N VAL A 28 16.72 24.56 -8.06
CA VAL A 28 17.59 25.33 -7.18
C VAL A 28 18.94 25.60 -7.84
N THR A 29 19.60 26.63 -7.36
CA THR A 29 21.04 26.79 -7.51
C THR A 29 21.68 26.50 -6.15
N VAL A 30 22.79 25.80 -6.16
CA VAL A 30 23.55 25.49 -4.96
C VAL A 30 24.73 26.43 -4.92
N HIS A 31 24.99 27.03 -3.74
CA HIS A 31 26.03 28.05 -3.63
C HIS A 31 26.64 28.00 -2.24
N LYS A 32 27.78 28.65 -2.10
CA LYS A 32 28.46 28.76 -0.81
C LYS A 32 27.97 29.98 -0.04
N THR A 33 27.93 29.84 1.28
CA THR A 33 27.60 30.95 2.16
C THR A 33 28.87 31.67 2.61
N PHE A 34 28.68 32.85 3.21
CA PHE A 34 29.80 33.62 3.69
C PHE A 34 30.68 32.82 4.64
N GLU A 35 30.07 31.93 5.44
CA GLU A 35 30.79 31.09 6.38
C GLU A 35 31.44 29.88 5.72
N GLY A 36 31.26 29.71 4.42
CA GLY A 36 31.80 28.57 3.71
C GLY A 36 30.95 27.32 3.75
N ASN A 37 29.69 27.41 4.17
CA ASN A 37 28.80 26.28 4.10
C ASN A 37 28.11 26.36 2.75
N VAL A 38 27.19 25.43 2.49
CA VAL A 38 26.47 25.38 1.24
C VAL A 38 25.00 25.64 1.52
N ALA A 39 24.37 26.37 0.62
CA ALA A 39 22.94 26.62 0.70
C ALA A 39 22.34 26.51 -0.68
N THR A 40 21.02 26.37 -0.71
CA THR A 40 20.30 26.43 -1.97
C THR A 40 19.42 27.68 -2.03
N LYS A 41 19.22 28.14 -3.25
CA LYS A 41 18.25 29.20 -3.55
C LYS A 41 17.31 28.69 -4.64
N ALA A 42 16.03 28.65 -4.34
CA ALA A 42 15.05 28.21 -5.32
C ALA A 42 14.93 29.20 -6.46
N ILE A 43 14.63 28.67 -7.64
CA ILE A 43 14.19 29.45 -8.78
C ILE A 43 12.86 28.91 -9.29
N ASN A 44 12.14 29.72 -10.06
CA ASN A 44 10.80 29.35 -10.49
C ASN A 44 10.87 28.05 -11.27
N GLY A 45 9.82 27.26 -11.12
CA GLY A 45 9.71 25.97 -11.81
C GLY A 45 8.41 25.84 -12.54
N CYS A 46 8.12 24.62 -13.03
CA CYS A 46 6.90 24.41 -13.78
C CYS A 46 6.56 22.92 -13.76
N ILE A 47 5.27 22.66 -13.80
CA ILE A 47 4.75 21.33 -14.09
C ILE A 47 4.49 21.26 -15.59
N PHE A 48 4.92 20.16 -16.21
CA PHE A 48 4.78 19.92 -17.64
C PHE A 48 3.70 18.86 -17.79
N THR A 49 2.50 19.27 -18.22
CA THR A 49 1.33 18.39 -18.36
C THR A 49 0.93 18.45 -19.82
N LEU A 50 1.07 17.32 -20.53
CA LEU A 50 0.98 17.33 -21.98
C LEU A 50 -0.03 16.29 -22.46
N ASN A 51 -0.94 16.70 -23.34
CA ASN A 51 -1.76 15.74 -24.10
C ASN A 51 -0.97 15.35 -25.35
N PRO A 52 -0.55 14.08 -25.48
CA PRO A 52 0.34 13.71 -26.59
C PRO A 52 -0.38 13.58 -27.91
N LYS A 53 -1.71 13.50 -27.88
CA LYS A 53 -2.48 13.41 -29.11
C LYS A 53 -2.70 14.80 -29.72
N THR A 54 -2.97 15.81 -28.91
CA THR A 54 -3.32 17.11 -29.44
C THR A 54 -2.18 18.11 -29.34
N GLY A 55 -1.18 17.85 -28.51
CA GLY A 55 -0.10 18.80 -28.32
C GLY A 55 -0.39 19.81 -27.25
N HIS A 56 -1.59 19.83 -26.71
CA HIS A 56 -1.91 20.82 -25.67
C HIS A 56 -1.03 20.62 -24.43
N LEU A 57 -0.41 21.72 -24.01
CA LEU A 57 0.53 21.73 -22.89
C LEU A 57 -0.08 22.69 -21.87
N PHE A 58 -0.41 22.18 -20.71
CA PHE A 58 -0.80 22.99 -19.55
C PHE A 58 0.44 23.19 -18.72
N LEU A 59 1.04 24.38 -18.77
CA LEU A 59 2.32 24.66 -18.14
C LEU A 59 1.99 25.46 -16.87
N LYS A 60 1.96 24.79 -15.73
CA LYS A 60 1.68 25.47 -14.46
C LYS A 60 3.02 25.95 -13.93
N ILE A 61 3.16 27.28 -13.82
CA ILE A 61 4.39 27.86 -13.34
C ILE A 61 4.37 27.86 -11.81
N ILE A 62 5.46 27.38 -11.22
CA ILE A 62 5.61 27.18 -9.78
C ILE A 62 6.52 28.31 -9.33
N HIS A 63 5.94 29.30 -8.66
CA HIS A 63 6.69 30.44 -8.22
C HIS A 63 7.36 30.13 -6.88
N THR A 64 8.58 30.64 -6.71
CA THR A 64 9.38 30.29 -5.54
C THR A 64 8.69 30.60 -4.22
N SER A 65 7.70 31.47 -4.22
CA SER A 65 7.02 31.78 -2.97
C SER A 65 6.30 30.58 -2.40
N VAL A 66 5.97 29.57 -3.22
N VAL A 66 6.00 29.58 -3.26
CA VAL A 66 5.28 28.41 -2.68
CA VAL A 66 5.36 28.34 -2.84
C VAL A 66 6.17 27.60 -1.75
C VAL A 66 6.18 27.64 -1.77
N TRP A 67 7.50 27.79 -1.81
CA TRP A 67 8.39 27.03 -0.95
C TRP A 67 8.71 27.76 0.35
N ALA A 68 8.28 29.00 0.49
CA ALA A 68 8.67 29.79 1.67
C ALA A 68 8.22 29.11 2.95
N GLY A 69 9.17 28.81 3.82
CA GLY A 69 8.86 28.32 5.15
C GLY A 69 8.55 26.87 5.18
N GLN A 70 8.71 26.19 4.07
CA GLN A 70 8.42 24.77 3.99
C GLN A 70 9.69 23.95 4.11
N LYS A 71 9.50 22.74 4.65
CA LYS A 71 10.53 21.75 4.83
C LYS A 71 10.37 20.65 3.80
N ARG A 72 11.46 19.90 3.62
CA ARG A 72 11.47 18.68 2.80
C ARG A 72 10.91 18.99 1.41
N LEU A 73 11.55 19.96 0.75
CA LEU A 73 10.96 20.55 -0.44
C LEU A 73 10.84 19.54 -1.57
N SER A 74 11.82 18.65 -1.73
CA SER A 74 11.69 17.67 -2.81
C SER A 74 10.49 16.76 -2.61
N GLN A 75 10.16 16.41 -1.37
CA GLN A 75 8.95 15.65 -1.15
C GLN A 75 7.72 16.52 -1.36
N LEU A 76 7.76 17.75 -0.87
CA LEU A 76 6.60 18.61 -1.03
C LEU A 76 6.30 18.84 -2.51
N ALA A 77 7.35 18.95 -3.33
CA ALA A 77 7.17 19.24 -4.75
C ALA A 77 6.33 18.18 -5.42
N LYS A 78 6.46 16.93 -5.00
CA LYS A 78 5.63 15.90 -5.62
C LYS A 78 4.17 16.08 -5.25
N TRP A 79 3.89 16.39 -3.99
CA TRP A 79 2.52 16.61 -3.55
C TRP A 79 1.92 17.87 -4.15
N LYS A 80 2.72 18.93 -4.27
CA LYS A 80 2.26 20.14 -4.94
C LYS A 80 1.92 19.87 -6.40
N THR A 81 2.75 19.09 -7.08
CA THR A 81 2.44 18.67 -8.44
C THR A 81 1.10 17.95 -8.51
N ALA A 82 0.91 16.97 -7.62
CA ALA A 82 -0.33 16.25 -7.64
C ALA A 82 -1.52 17.14 -7.33
N GLU A 83 -1.39 18.08 -6.37
CA GLU A 83 -2.47 19.00 -6.08
C GLU A 83 -2.84 19.85 -7.32
N GLU A 84 -1.83 20.35 -8.02
CA GLU A 84 -2.10 21.19 -9.18
C GLU A 84 -2.70 20.39 -10.34
N VAL A 85 -2.27 19.13 -10.53
CA VAL A 85 -2.85 18.30 -11.59
C VAL A 85 -4.32 18.00 -11.27
N SER A 86 -4.62 17.64 -10.03
N SER A 86 -4.60 17.62 -10.03
CA SER A 86 -6.01 17.38 -9.67
CA SER A 86 -5.99 17.39 -9.61
C SER A 86 -6.86 18.64 -9.81
C SER A 86 -6.84 18.64 -9.80
N ALA A 87 -6.32 19.80 -9.41
CA ALA A 87 -7.07 21.05 -9.62
C ALA A 87 -7.35 21.30 -11.09
N LEU A 88 -6.37 21.00 -11.94
CA LEU A 88 -6.56 21.15 -13.39
C LEU A 88 -7.67 20.24 -13.87
N VAL A 89 -7.60 18.95 -13.49
CA VAL A 89 -8.63 18.03 -13.92
C VAL A 89 -10.00 18.53 -13.49
N ARG A 90 -10.13 18.95 -12.23
CA ARG A 90 -11.43 19.39 -11.74
C ARG A 90 -11.93 20.63 -12.49
N SER A 91 -11.01 21.43 -13.03
CA SER A 91 -11.38 22.65 -13.74
C SER A 91 -11.85 22.35 -15.15
N LEU A 92 -11.61 21.12 -15.65
CA LEU A 92 -12.00 20.85 -17.01
C LEU A 92 -13.43 20.31 -17.02
N PRO A 93 -14.19 20.63 -18.06
CA PRO A 93 -15.48 19.95 -18.25
C PRO A 93 -15.30 18.44 -18.28
N LYS A 94 -16.35 17.73 -17.84
CA LYS A 94 -16.27 16.28 -17.72
C LYS A 94 -15.79 15.63 -19.01
N GLU A 95 -16.29 16.10 -20.14
CA GLU A 95 -15.93 15.49 -21.41
C GLU A 95 -14.51 15.81 -21.84
N GLU A 96 -13.82 16.74 -21.17
CA GLU A 96 -12.42 17.04 -21.44
C GLU A 96 -11.47 16.40 -20.43
N GLN A 97 -11.99 15.82 -19.38
CA GLN A 97 -11.11 15.24 -18.38
C GLN A 97 -10.41 13.99 -18.93
N PRO A 98 -9.18 13.73 -18.49
CA PRO A 98 -8.48 12.56 -19.01
C PRO A 98 -9.04 11.28 -18.45
N LYS A 99 -8.91 10.20 -19.23
N LYS A 99 -8.92 10.20 -19.23
CA LYS A 99 -9.18 8.85 -18.73
CA LYS A 99 -9.18 8.85 -18.73
C LYS A 99 -7.95 8.20 -18.12
C LYS A 99 -7.95 8.21 -18.11
N GLN A 100 -6.75 8.71 -18.46
CA GLN A 100 -5.50 8.23 -17.91
C GLN A 100 -4.56 9.43 -17.71
N ILE A 101 -3.79 9.37 -16.64
CA ILE A 101 -2.66 10.29 -16.43
C ILE A 101 -1.42 9.40 -16.28
N ILE A 102 -0.42 9.65 -17.11
CA ILE A 102 0.85 8.91 -17.10
C ILE A 102 1.93 9.81 -16.47
N VAL A 103 2.49 9.36 -15.36
CA VAL A 103 3.54 10.11 -14.69
C VAL A 103 4.89 9.65 -15.21
N THR A 104 5.80 10.58 -15.45
CA THR A 104 7.09 10.22 -15.99
C THR A 104 8.03 9.66 -14.95
N ARG A 105 7.77 9.88 -13.66
CA ARG A 105 8.59 9.37 -12.56
C ARG A 105 7.71 8.65 -11.55
N LYS A 106 8.13 7.44 -11.15
CA LYS A 106 7.25 6.60 -10.35
C LYS A 106 6.96 7.19 -8.98
N ALA A 107 7.80 8.09 -8.50
CA ALA A 107 7.55 8.72 -7.21
C ALA A 107 6.33 9.63 -7.22
N MET A 108 5.80 9.95 -8.42
CA MET A 108 4.56 10.69 -8.49
C MET A 108 3.32 9.83 -8.38
N LEU A 109 3.45 8.50 -8.38
CA LEU A 109 2.26 7.66 -8.36
C LEU A 109 1.42 7.86 -7.10
N ASP A 110 2.02 7.71 -5.91
CA ASP A 110 1.18 7.74 -4.71
C ASP A 110 0.64 9.16 -4.50
N PRO A 111 1.45 10.20 -4.65
CA PRO A 111 0.88 11.55 -4.49
C PRO A 111 -0.30 11.82 -5.41
N LEU A 112 -0.20 11.44 -6.70
CA LEU A 112 -1.30 11.70 -7.60
C LEU A 112 -2.49 10.79 -7.30
N GLU A 113 -2.25 9.52 -6.99
CA GLU A 113 -3.37 8.66 -6.63
C GLU A 113 -4.18 9.24 -5.46
N VAL A 114 -3.50 9.68 -4.40
CA VAL A 114 -4.20 10.18 -3.24
C VAL A 114 -4.98 11.44 -3.59
N HIS A 115 -4.37 12.35 -4.36
CA HIS A 115 -5.10 13.56 -4.74
C HIS A 115 -6.26 13.30 -5.69
N MET A 116 -6.28 12.16 -6.38
CA MET A 116 -7.31 11.86 -7.37
C MET A 116 -8.30 10.80 -6.86
N LEU A 117 -8.41 10.61 -5.54
CA LEU A 117 -9.30 9.59 -5.00
C LEU A 117 -10.75 9.84 -5.40
N ASP A 118 -11.13 11.11 -5.59
CA ASP A 118 -12.44 11.48 -6.06
C ASP A 118 -12.71 11.06 -7.50
N PHE A 119 -11.69 10.65 -8.26
CA PHE A 119 -11.81 10.26 -9.66
C PHE A 119 -11.36 8.80 -9.78
N PRO A 120 -12.14 7.87 -9.25
CA PRO A 120 -11.72 6.45 -9.32
C PRO A 120 -11.63 5.91 -10.72
N ASN A 121 -12.30 6.52 -11.70
CA ASN A 121 -12.28 6.06 -13.07
C ASN A 121 -11.17 6.71 -13.92
N ILE A 122 -10.26 7.49 -13.32
CA ILE A 122 -9.08 7.98 -14.03
C ILE A 122 -7.88 7.15 -13.59
N ALA A 123 -7.27 6.45 -14.54
CA ALA A 123 -6.15 5.57 -14.26
C ALA A 123 -4.85 6.36 -14.15
N ILE A 124 -4.09 6.08 -13.11
CA ILE A 124 -2.78 6.70 -12.87
C ILE A 124 -1.73 5.65 -13.20
N ARG A 125 -0.93 5.92 -14.21
CA ARG A 125 0.00 4.94 -14.74
C ARG A 125 1.43 5.43 -14.70
N PRO A 126 2.37 4.55 -14.41
CA PRO A 126 3.76 4.89 -14.68
C PRO A 126 4.18 4.58 -16.09
N THR A 127 5.43 4.84 -16.41
CA THR A 127 5.97 4.46 -17.70
C THR A 127 7.37 3.91 -17.56
N GLU A 128 7.72 3.01 -18.49
N GLU A 128 7.74 3.02 -18.48
CA GLU A 128 9.07 2.51 -18.67
CA GLU A 128 9.12 2.57 -18.59
C GLU A 128 9.88 3.33 -19.65
C GLU A 128 9.90 3.35 -19.64
N LEU A 129 9.24 4.20 -20.42
CA LEU A 129 9.94 5.09 -21.33
C LEU A 129 10.72 6.14 -20.55
N ARG A 130 11.92 6.46 -21.05
CA ARG A 130 12.78 7.48 -20.46
C ARG A 130 12.57 8.76 -21.28
N LEU A 131 11.51 9.48 -20.96
CA LEU A 131 11.13 10.57 -21.83
C LEU A 131 11.89 11.84 -21.47
N PRO A 132 12.20 12.65 -22.43
CA PRO A 132 13.12 13.77 -22.20
C PRO A 132 12.43 15.07 -21.82
N PHE A 133 11.30 15.00 -21.12
CA PHE A 133 10.54 16.22 -20.88
C PHE A 133 11.25 17.19 -19.93
N SER A 134 12.26 16.74 -19.20
CA SER A 134 13.03 17.71 -18.40
C SER A 134 13.64 18.80 -19.28
N ALA A 135 13.94 18.49 -20.51
CA ALA A 135 14.51 19.50 -21.38
C ALA A 135 13.51 20.55 -21.80
N ALA A 136 12.28 20.59 -21.28
CA ALA A 136 11.35 21.62 -21.73
C ALA A 136 11.84 23.02 -21.40
N MET A 137 12.62 23.15 -20.33
CA MET A 137 13.16 24.45 -20.03
C MET A 137 14.32 24.84 -20.95
N SER A 138 14.66 24.00 -21.92
CA SER A 138 15.55 24.43 -22.98
C SER A 138 14.83 25.06 -24.15
N ILE A 139 13.50 25.03 -24.16
CA ILE A 139 12.71 25.75 -25.14
C ILE A 139 12.60 27.20 -24.66
N ASP A 140 13.13 28.13 -25.46
CA ASP A 140 13.34 29.49 -25.01
C ASP A 140 12.05 30.16 -24.54
N LYS A 141 10.98 30.05 -25.30
CA LYS A 141 9.75 30.72 -24.91
C LYS A 141 9.20 30.15 -23.60
N LEU A 142 9.37 28.83 -23.37
CA LEU A 142 8.89 28.24 -22.13
C LEU A 142 9.73 28.70 -20.95
N SER A 143 11.07 28.66 -21.10
CA SER A 143 11.93 29.13 -20.02
C SER A 143 11.66 30.59 -19.69
N ASP A 144 11.39 31.40 -20.73
CA ASP A 144 11.19 32.83 -20.50
C ASP A 144 9.96 33.08 -19.65
N VAL A 145 8.84 32.42 -19.95
CA VAL A 145 7.63 32.69 -19.19
C VAL A 145 7.78 32.20 -17.76
N VAL A 146 8.52 31.11 -17.56
CA VAL A 146 8.73 30.61 -16.20
C VAL A 146 9.59 31.59 -15.41
N MET A 147 10.69 32.04 -16.00
N MET A 147 10.69 32.05 -16.00
N MET A 147 10.69 32.07 -16.01
CA MET A 147 11.65 32.88 -15.28
CA MET A 147 11.63 32.88 -15.24
CA MET A 147 11.62 32.88 -15.23
C MET A 147 11.08 34.27 -14.99
C MET A 147 11.08 34.28 -14.98
C MET A 147 11.06 34.28 -14.97
N LYS A 148 10.15 34.76 -15.81
CA LYS A 148 9.57 36.10 -15.61
C LYS A 148 8.40 36.12 -14.64
N ALA A 149 7.85 34.96 -14.27
CA ALA A 149 6.61 34.93 -13.52
C ALA A 149 6.85 35.51 -12.14
N THR A 150 5.94 36.36 -11.69
CA THR A 150 6.02 36.95 -10.36
C THR A 150 4.99 36.38 -9.42
N GLU A 151 4.17 35.43 -9.88
CA GLU A 151 3.14 34.81 -9.09
C GLU A 151 2.77 33.50 -9.76
N PRO A 152 2.09 32.60 -9.06
CA PRO A 152 1.62 31.37 -9.70
C PRO A 152 0.77 31.66 -10.94
N GLN A 153 0.94 30.85 -11.99
CA GLN A 153 0.31 31.19 -13.24
C GLN A 153 0.24 29.92 -14.07
N MET A 154 -0.86 29.72 -14.78
CA MET A 154 -0.99 28.67 -15.80
C MET A 154 -0.94 29.29 -17.18
N VAL A 155 -0.09 28.73 -18.06
CA VAL A 155 0.04 29.17 -19.45
C VAL A 155 -0.20 27.97 -20.36
N LEU A 156 -1.03 28.15 -21.38
CA LEU A 156 -1.42 27.08 -22.29
C LEU A 156 -0.68 27.25 -23.60
N PHE A 157 -0.07 26.16 -24.08
CA PHE A 157 0.67 26.16 -25.34
C PHE A 157 0.24 24.95 -26.14
N ASN A 158 0.51 25.00 -27.44
CA ASN A 158 0.51 23.77 -28.26
C ASN A 158 1.96 23.49 -28.60
N ILE A 159 2.51 22.40 -28.04
CA ILE A 159 3.95 22.15 -28.18
C ILE A 159 4.29 21.60 -29.55
N TYR A 160 3.28 21.31 -30.37
CA TYR A 160 3.47 20.87 -31.74
C TYR A 160 3.33 22.01 -32.74
N ASP A 161 3.21 23.24 -32.28
CA ASP A 161 2.90 24.34 -33.20
C ASP A 161 1.73 23.94 -34.10
N ASP A 162 1.85 24.10 -35.42
CA ASP A 162 0.84 23.68 -36.39
C ASP A 162 1.16 22.34 -37.05
N TRP A 163 2.06 21.52 -36.48
CA TRP A 163 2.51 20.33 -37.21
C TRP A 163 1.37 19.40 -37.54
N LEU A 164 0.34 19.33 -36.70
CA LEU A 164 -0.75 18.38 -36.90
C LEU A 164 -1.55 18.70 -38.15
N ASP A 165 -1.38 19.88 -38.73
CA ASP A 165 -1.99 20.13 -40.04
C ASP A 165 -1.40 19.25 -41.13
N ARG A 166 -0.14 18.82 -40.96
CA ARG A 166 0.54 18.06 -42.01
C ARG A 166 1.01 16.66 -41.60
N ILE A 167 1.12 16.36 -40.30
CA ILE A 167 1.60 15.06 -39.83
C ILE A 167 0.67 14.52 -38.76
N SER A 168 0.81 13.22 -38.49
CA SER A 168 -0.01 12.58 -37.48
C SER A 168 0.57 12.84 -36.09
N SER A 169 -0.26 12.59 -35.07
N SER A 169 -0.23 12.57 -35.07
CA SER A 169 0.20 12.74 -33.70
CA SER A 169 0.24 12.77 -33.71
C SER A 169 1.41 11.85 -33.42
C SER A 169 1.38 11.82 -33.35
N TYR A 170 1.39 10.60 -33.92
CA TYR A 170 2.55 9.74 -33.71
C TYR A 170 3.82 10.42 -34.20
N THR A 171 3.77 10.97 -35.41
CA THR A 171 4.96 11.58 -35.98
C THR A 171 5.33 12.83 -35.20
N ALA A 172 4.33 13.58 -34.78
CA ALA A 172 4.59 14.82 -34.01
C ALA A 172 5.24 14.51 -32.68
N PHE A 173 4.71 13.52 -31.96
CA PHE A 173 5.34 13.14 -30.71
C PHE A 173 6.76 12.66 -30.93
N SER A 174 6.98 11.85 -31.99
CA SER A 174 8.33 11.39 -32.26
C SER A 174 9.28 12.55 -32.54
N ARG A 175 8.82 13.56 -33.27
CA ARG A 175 9.66 14.72 -33.54
C ARG A 175 9.94 15.48 -32.25
N LEU A 176 8.91 15.63 -31.43
CA LEU A 176 9.10 16.34 -30.16
C LEU A 176 10.13 15.63 -29.31
N THR A 177 9.99 14.30 -29.18
CA THR A 177 10.90 13.54 -28.32
C THR A 177 12.32 13.60 -28.87
N LEU A 178 12.48 13.57 -30.19
CA LEU A 178 13.81 13.72 -30.78
C LEU A 178 14.42 15.08 -30.44
N LEU A 179 13.64 16.14 -30.60
CA LEU A 179 14.15 17.49 -30.32
C LEU A 179 14.56 17.61 -28.86
N LEU A 180 13.70 17.13 -27.96
CA LEU A 180 13.98 17.27 -26.54
C LEU A 180 15.14 16.37 -26.11
N ARG A 181 15.21 15.14 -26.60
CA ARG A 181 16.38 14.32 -26.32
C ARG A 181 17.67 15.00 -26.77
N ALA A 182 17.65 15.63 -27.95
CA ALA A 182 18.85 16.31 -28.41
C ALA A 182 19.21 17.46 -27.50
N LEU A 183 18.22 18.30 -27.16
CA LEU A 183 18.47 19.42 -26.26
C LEU A 183 18.97 18.95 -24.90
N LYS A 184 18.54 17.78 -24.45
CA LYS A 184 19.00 17.24 -23.16
C LYS A 184 20.43 16.72 -23.24
N THR A 185 20.83 16.11 -24.36
N THR A 185 20.82 16.12 -24.37
CA THR A 185 22.17 15.55 -24.44
CA THR A 185 22.15 15.53 -24.48
C THR A 185 23.23 16.62 -24.72
C THR A 185 23.23 16.58 -24.77
N ASN A 186 22.90 17.62 -25.54
CA ASN A 186 23.87 18.68 -25.85
C ASN A 186 23.08 19.92 -26.29
N GLU A 187 22.67 20.71 -25.31
CA GLU A 187 21.79 21.83 -25.59
C GLU A 187 22.39 22.79 -26.60
N GLU A 188 23.69 23.06 -26.52
CA GLU A 188 24.25 24.06 -27.41
C GLU A 188 24.18 23.59 -28.86
N SER A 189 24.72 22.41 -29.14
CA SER A 189 24.65 21.87 -30.49
C SER A 189 23.21 21.82 -30.99
N ALA A 190 22.32 21.20 -30.20
CA ALA A 190 20.92 21.13 -30.60
C ALA A 190 20.39 22.48 -31.02
N LYS A 191 20.65 23.53 -30.22
CA LYS A 191 20.09 24.85 -30.51
C LYS A 191 20.74 25.47 -31.73
N MET A 192 22.03 25.19 -31.95
CA MET A 192 22.66 25.63 -33.19
CA MET A 192 22.66 25.63 -33.19
C MET A 192 21.94 25.02 -34.39
N ILE A 193 21.73 23.70 -34.37
CA ILE A 193 21.01 23.04 -35.46
C ILE A 193 19.72 23.78 -35.76
N LEU A 194 18.98 24.12 -34.71
CA LEU A 194 17.63 24.64 -34.90
C LEU A 194 17.63 26.05 -35.42
N LEU A 195 18.63 26.85 -35.06
CA LEU A 195 18.63 28.27 -35.36
C LEU A 195 19.78 28.68 -36.29
N SER A 196 20.47 27.73 -36.90
CA SER A 196 21.62 28.06 -37.74
C SER A 196 21.22 28.99 -38.88
N ASP A 197 20.18 28.62 -39.63
CA ASP A 197 19.81 29.34 -40.84
C ASP A 197 18.89 30.51 -40.47
N PRO A 198 19.34 31.77 -40.64
CA PRO A 198 18.52 32.90 -40.17
C PRO A 198 17.26 33.16 -40.98
N THR A 199 17.09 32.57 -42.15
CA THR A 199 15.90 32.85 -42.95
C THR A 199 14.69 32.07 -42.50
N ILE A 200 14.85 31.13 -41.57
CA ILE A 200 13.75 30.36 -41.01
C ILE A 200 13.45 30.94 -39.64
N THR A 201 12.22 31.39 -39.44
CA THR A 201 11.86 32.12 -38.25
C THR A 201 10.88 31.30 -37.42
N ILE A 202 10.71 31.73 -36.17
CA ILE A 202 9.70 31.21 -35.27
C ILE A 202 8.56 32.20 -35.25
N LYS A 203 7.37 31.76 -35.64
CA LYS A 203 6.24 32.68 -35.62
C LYS A 203 5.99 33.13 -34.20
N SER A 204 5.41 34.31 -34.06
CA SER A 204 5.15 34.85 -32.71
C SER A 204 4.35 33.87 -31.86
N TYR A 205 3.46 33.11 -32.48
CA TYR A 205 2.55 32.22 -31.76
C TYR A 205 3.04 30.77 -31.74
N HIS A 206 4.31 30.54 -32.07
CA HIS A 206 4.89 29.21 -32.14
C HIS A 206 6.11 29.10 -31.24
N LEU A 207 6.51 27.86 -30.98
CA LEU A 207 7.69 27.60 -30.18
C LEU A 207 8.92 27.24 -30.97
N TRP A 208 8.74 26.58 -32.14
CA TRP A 208 9.82 26.06 -32.95
C TRP A 208 9.82 26.79 -34.29
N PRO A 209 10.90 26.70 -35.05
CA PRO A 209 10.97 27.38 -36.35
C PRO A 209 10.01 26.80 -37.38
N SER A 210 9.72 27.62 -38.40
CA SER A 210 8.77 27.28 -39.46
C SER A 210 9.44 26.48 -40.59
N PHE A 211 9.89 25.28 -40.25
CA PHE A 211 10.59 24.44 -41.22
C PHE A 211 9.58 23.88 -42.21
N THR A 212 10.00 23.84 -43.49
CA THR A 212 9.26 23.05 -44.46
C THR A 212 9.42 21.56 -44.15
N ASP A 213 8.57 20.74 -44.78
CA ASP A 213 8.70 19.30 -44.64
C ASP A 213 10.12 18.81 -44.90
N GLU A 214 10.75 19.31 -45.98
CA GLU A 214 12.09 18.83 -46.31
C GLU A 214 13.10 19.26 -45.26
N GLN A 215 12.96 20.47 -44.75
CA GLN A 215 13.87 20.95 -43.72
C GLN A 215 13.72 20.16 -42.43
N TRP A 216 12.49 19.75 -42.09
CA TRP A 216 12.29 18.92 -40.90
C TRP A 216 13.01 17.58 -41.04
N ILE A 217 12.98 16.98 -42.22
CA ILE A 217 13.73 15.74 -42.42
C ILE A 217 15.22 15.99 -42.19
N THR A 218 15.72 17.10 -42.72
CA THR A 218 17.12 17.43 -42.50
C THR A 218 17.40 17.71 -41.03
N ILE A 219 16.57 18.54 -40.39
CA ILE A 219 16.71 18.82 -38.97
C ILE A 219 16.70 17.53 -38.16
N GLU A 220 15.69 16.71 -38.39
CA GLU A 220 15.58 15.45 -37.65
C GLU A 220 16.84 14.62 -37.83
N SER A 221 17.37 14.58 -39.05
N SER A 221 17.36 14.56 -39.06
CA SER A 221 18.59 13.83 -39.30
CA SER A 221 18.60 13.83 -39.29
C SER A 221 19.77 14.43 -38.54
C SER A 221 19.75 14.43 -38.50
N GLN A 222 19.84 15.76 -38.45
CA GLN A 222 20.92 16.39 -37.69
C GLN A 222 20.82 16.05 -36.21
N MET A 223 19.60 15.99 -35.67
CA MET A 223 19.43 15.70 -34.26
C MET A 223 19.81 14.26 -33.93
N ARG A 224 19.47 13.32 -34.82
N ARG A 224 19.50 13.32 -34.83
CA ARG A 224 19.92 11.94 -34.63
CA ARG A 224 19.92 11.94 -34.60
C ARG A 224 21.43 11.86 -34.65
C ARG A 224 21.44 11.81 -34.68
N ASP A 225 22.08 12.53 -35.61
CA ASP A 225 23.54 12.56 -35.65
CA ASP A 225 23.54 12.56 -35.65
C ASP A 225 24.11 13.02 -34.31
N LEU A 226 23.61 14.15 -33.81
CA LEU A 226 24.02 14.68 -32.51
C LEU A 226 23.93 13.62 -31.42
N ILE A 227 22.75 13.00 -31.28
CA ILE A 227 22.52 12.05 -30.20
C ILE A 227 23.48 10.87 -30.33
N LEU A 228 23.71 10.42 -31.56
CA LEU A 228 24.65 9.31 -31.77
C LEU A 228 26.08 9.74 -31.46
N THR A 229 26.50 10.89 -31.98
CA THR A 229 27.80 11.45 -31.66
C THR A 229 27.98 11.51 -30.14
N GLU A 230 27.34 12.48 -29.49
CA GLU A 230 27.42 12.65 -28.04
C GLU A 230 27.48 11.30 -27.34
N TYR A 231 26.76 10.34 -27.89
CA TYR A 231 26.80 8.98 -27.37
C TYR A 231 28.14 8.31 -27.69
N GLY A 232 28.81 8.72 -28.77
CA GLY A 232 30.19 8.35 -29.01
C GLY A 232 31.13 9.11 -28.10
N ARG A 233 31.18 10.44 -28.26
CA ARG A 233 31.95 11.31 -27.38
C ARG A 233 31.85 10.86 -25.93
N LYS A 234 30.69 10.36 -25.51
CA LYS A 234 30.50 9.94 -24.13
C LYS A 234 31.21 8.61 -23.85
N TYR A 235 30.80 7.55 -24.55
CA TYR A 235 31.35 6.22 -24.34
C TYR A 235 32.61 5.97 -25.17
N ASN A 236 33.11 6.98 -25.88
CA ASN A 236 34.26 6.84 -26.76
C ASN A 236 34.08 5.62 -27.66
N VAL A 237 33.27 5.77 -28.72
CA VAL A 237 32.95 4.69 -29.65
C VAL A 237 32.95 5.21 -31.09
N MET B 5 -11.89 -24.84 36.33
CA MET B 5 -11.30 -25.54 35.14
C MET B 5 -12.35 -26.26 34.29
N ASN B 6 -12.47 -25.87 33.01
CA ASN B 6 -13.53 -26.38 32.16
C ASN B 6 -13.03 -27.46 31.21
N THR B 7 -13.98 -28.11 30.56
CA THR B 7 -13.75 -29.33 29.80
C THR B 7 -14.46 -29.28 28.47
N VAL B 8 -13.83 -29.75 27.37
CA VAL B 8 -14.45 -29.92 26.02
C VAL B 8 -14.42 -31.42 25.69
N PRO B 9 -15.44 -32.37 26.04
CA PRO B 9 -15.66 -34.02 25.80
C PRO B 9 -15.66 -34.12 24.28
N PHE B 10 -15.16 -35.23 23.77
CA PHE B 10 -15.13 -35.59 22.35
C PHE B 10 -15.94 -36.89 22.31
N THR B 11 -16.89 -37.01 21.40
CA THR B 11 -17.70 -38.24 21.30
C THR B 11 -16.74 -39.39 21.06
N SER B 12 -15.77 -39.24 20.14
CA SER B 12 -14.73 -40.20 19.76
C SER B 12 -13.74 -39.50 18.83
N ALA B 13 -12.69 -40.19 18.38
CA ALA B 13 -11.73 -39.72 17.38
C ALA B 13 -11.63 -40.71 16.24
N PRO B 14 -12.56 -40.67 15.29
CA PRO B 14 -12.58 -41.70 14.23
C PRO B 14 -11.54 -41.55 13.15
N ILE B 15 -10.96 -40.37 12.96
CA ILE B 15 -9.92 -40.19 11.97
C ILE B 15 -8.68 -39.61 12.64
N GLU B 16 -7.53 -40.07 12.19
CA GLU B 16 -6.26 -39.61 12.71
C GLU B 16 -6.09 -38.12 12.47
N VAL B 17 -5.70 -37.39 13.52
CA VAL B 17 -5.74 -35.94 13.48
C VAL B 17 -4.74 -35.39 14.48
N THR B 18 -4.11 -34.27 14.12
CA THR B 18 -3.38 -33.43 15.08
C THR B 18 -4.38 -32.42 15.64
N ILE B 19 -4.51 -32.40 16.96
CA ILE B 19 -5.47 -31.52 17.63
C ILE B 19 -4.65 -30.46 18.33
N GLY B 20 -4.94 -29.19 18.10
CA GLY B 20 -4.28 -28.18 18.87
C GLY B 20 -5.25 -27.48 19.78
N ILE B 21 -4.78 -27.01 20.92
CA ILE B 21 -5.57 -26.25 21.90
C ILE B 21 -4.63 -25.09 22.21
N ASP B 22 -4.93 -23.88 21.77
CA ASP B 22 -4.04 -22.70 21.88
C ASP B 22 -2.65 -23.05 21.30
N GLN B 23 -1.51 -22.85 21.98
CA GLN B 23 -0.15 -23.01 21.44
C GLN B 23 0.31 -24.47 21.55
N TYR B 24 -0.46 -25.38 22.13
CA TYR B 24 -0.13 -26.82 22.28
C TYR B 24 -0.77 -27.66 21.18
N SER B 25 -0.17 -28.80 20.83
CA SER B 25 -0.72 -29.78 19.86
C SER B 25 -0.35 -31.21 20.26
N PHE B 26 -1.26 -32.17 20.07
CA PHE B 26 -1.04 -33.61 20.36
C PHE B 26 -1.59 -34.43 19.19
N ASN B 27 -0.99 -35.57 18.90
CA ASN B 27 -1.34 -36.42 17.74
C ASN B 27 -2.27 -37.55 18.19
N VAL B 28 -3.46 -37.69 17.58
CA VAL B 28 -4.40 -38.74 17.95
C VAL B 28 -4.50 -39.69 16.78
N LYS B 29 -4.38 -40.99 17.05
CA LYS B 29 -4.45 -41.96 15.98
C LYS B 29 -5.89 -42.34 15.68
N GLU B 30 -6.09 -42.90 14.49
CA GLU B 30 -7.44 -43.28 14.06
C GLU B 30 -8.04 -44.27 15.05
N ASN B 31 -9.19 -43.92 15.62
CA ASN B 31 -9.94 -44.74 16.58
C ASN B 31 -9.21 -44.92 17.91
N GLN B 32 -8.27 -44.04 18.22
CA GLN B 32 -7.65 -44.06 19.53
C GLN B 32 -8.66 -43.59 20.58
N PRO B 33 -8.67 -44.20 21.76
CA PRO B 33 -9.70 -43.88 22.77
C PRO B 33 -9.59 -42.50 23.40
N PHE B 34 -9.82 -41.49 22.56
CA PHE B 34 -9.65 -40.06 22.85
C PHE B 34 -11.01 -39.42 23.12
N HIS B 35 -11.24 -38.86 24.33
CA HIS B 35 -12.55 -38.28 24.72
C HIS B 35 -12.46 -36.85 25.25
N GLY B 36 -11.48 -36.06 24.84
CA GLY B 36 -11.51 -34.62 25.14
C GLY B 36 -10.34 -34.03 25.90
N ILE B 37 -10.50 -32.75 26.22
CA ILE B 37 -9.49 -31.91 26.91
C ILE B 37 -10.16 -31.37 28.17
N LYS B 38 -9.53 -31.49 29.32
CA LYS B 38 -10.03 -30.95 30.60
C LYS B 38 -9.00 -29.96 31.15
N ASP B 39 -9.29 -29.35 32.29
CA ASP B 39 -8.44 -28.38 32.98
C ASP B 39 -8.17 -27.13 32.14
N ILE B 40 -9.12 -26.74 31.29
CA ILE B 40 -8.95 -25.58 30.43
C ILE B 40 -9.13 -24.33 31.28
N PRO B 41 -8.17 -23.42 31.29
CA PRO B 41 -8.28 -22.26 32.18
C PRO B 41 -9.47 -21.38 31.87
N ILE B 42 -10.16 -21.01 32.90
CA ILE B 42 -11.30 -20.12 32.82
C ILE B 42 -10.76 -18.70 32.85
N GLY B 43 -11.39 -17.85 32.06
CA GLY B 43 -11.05 -16.45 32.01
C GLY B 43 -10.54 -15.99 30.69
N HIS B 44 -10.34 -16.90 29.75
CA HIS B 44 -9.70 -16.59 28.50
C HIS B 44 -10.55 -17.20 27.40
N VAL B 45 -10.48 -16.63 26.22
N VAL B 45 -10.52 -16.59 26.23
CA VAL B 45 -10.98 -17.28 25.02
CA VAL B 45 -10.96 -17.33 25.05
C VAL B 45 -9.94 -18.31 24.58
C VAL B 45 -9.96 -18.44 24.79
N HIS B 46 -10.41 -19.43 24.01
CA HIS B 46 -9.53 -20.51 23.62
C HIS B 46 -9.87 -20.90 22.18
N VAL B 47 -8.96 -21.63 21.56
CA VAL B 47 -9.18 -22.14 20.21
C VAL B 47 -8.80 -23.62 20.22
N ILE B 48 -9.66 -24.46 19.63
N ILE B 48 -9.71 -24.46 19.71
CA ILE B 48 -9.37 -25.87 19.47
CA ILE B 48 -9.40 -25.86 19.46
C ILE B 48 -9.38 -26.14 17.97
C ILE B 48 -9.32 -26.01 17.94
N HIS B 49 -8.28 -26.68 17.48
CA HIS B 49 -8.02 -26.70 16.04
C HIS B 49 -7.51 -28.06 15.59
N PHE B 50 -7.63 -28.29 14.28
CA PHE B 50 -7.55 -29.64 13.74
C PHE B 50 -6.79 -29.62 12.43
N GLN B 51 -5.91 -30.60 12.28
CA GLN B 51 -5.32 -30.91 10.97
C GLN B 51 -5.35 -32.41 10.76
N HIS B 52 -6.08 -32.84 9.75
CA HIS B 52 -6.21 -34.28 9.54
C HIS B 52 -4.90 -34.83 8.99
N ALA B 53 -4.59 -36.07 9.35
CA ALA B 53 -3.33 -36.67 8.93
C ALA B 53 -3.33 -36.92 7.43
N ASP B 54 -4.47 -37.29 6.87
CA ASP B 54 -4.53 -37.64 5.46
C ASP B 54 -4.56 -36.41 4.56
N ASN B 55 -5.25 -35.34 4.97
CA ASN B 55 -5.29 -34.11 4.19
C ASN B 55 -4.90 -32.94 5.08
N SER B 56 -3.60 -32.60 5.06
CA SER B 56 -3.11 -31.40 5.72
C SER B 56 -3.67 -30.12 5.09
N SER B 57 -4.36 -30.23 3.96
CA SER B 57 -5.08 -29.08 3.44
C SER B 57 -6.24 -28.76 4.36
N MET B 58 -6.48 -27.47 4.56
N MET B 58 -6.45 -27.46 4.57
CA MET B 58 -7.51 -27.03 5.49
CA MET B 58 -7.47 -26.94 5.46
C MET B 58 -7.12 -27.37 6.93
C MET B 58 -7.18 -27.32 6.91
N ARG B 59 -6.47 -26.44 7.60
CA ARG B 59 -6.54 -26.42 9.06
C ARG B 59 -7.87 -25.73 9.38
N TYR B 60 -8.52 -26.13 10.48
CA TYR B 60 -9.79 -25.49 10.83
C TYR B 60 -9.93 -25.60 12.33
N GLY B 61 -10.81 -24.78 12.91
CA GLY B 61 -10.97 -24.84 14.37
C GLY B 61 -12.06 -23.93 14.86
N TYR B 62 -12.14 -23.83 16.19
CA TYR B 62 -13.28 -23.18 16.85
C TYR B 62 -12.78 -22.32 17.98
N TRP B 63 -13.13 -21.06 17.96
CA TRP B 63 -12.93 -20.15 19.09
C TRP B 63 -14.11 -20.27 20.04
N PHE B 64 -13.82 -20.34 21.35
CA PHE B 64 -14.87 -20.55 22.33
C PHE B 64 -14.38 -20.02 23.69
N ASP B 65 -15.35 -19.87 24.59
CA ASP B 65 -15.14 -19.41 25.98
C ASP B 65 -16.09 -20.28 26.80
N CYS B 66 -15.53 -21.16 27.65
CA CYS B 66 -16.33 -22.14 28.38
C CYS B 66 -17.30 -21.50 29.38
N ARG B 67 -17.18 -20.22 29.63
CA ARG B 67 -18.16 -19.56 30.48
C ARG B 67 -19.48 -19.37 29.77
N MET B 68 -19.51 -19.52 28.45
N MET B 68 -19.50 -19.51 28.44
CA MET B 68 -20.70 -19.23 27.67
CA MET B 68 -20.69 -19.22 27.65
C MET B 68 -21.54 -20.45 27.35
C MET B 68 -21.55 -20.44 27.37
N GLY B 69 -21.16 -21.62 27.82
CA GLY B 69 -21.90 -22.81 27.52
C GLY B 69 -21.04 -24.04 27.70
N ASN B 70 -21.68 -25.19 27.60
CA ASN B 70 -20.99 -26.46 27.60
C ASN B 70 -20.82 -26.94 26.16
N PHE B 71 -19.57 -27.10 25.71
CA PHE B 71 -19.26 -27.40 24.31
C PHE B 71 -18.58 -28.75 24.20
N TYR B 72 -18.83 -29.47 23.13
CA TYR B 72 -18.16 -30.76 22.90
C TYR B 72 -17.84 -30.85 21.41
N ILE B 73 -17.03 -31.83 21.07
CA ILE B 73 -16.63 -32.06 19.67
C ILE B 73 -17.17 -33.43 19.25
N GLN B 74 -17.70 -33.56 18.05
CA GLN B 74 -18.13 -34.87 17.54
C GLN B 74 -17.74 -34.87 16.08
N TYR B 75 -17.21 -35.97 15.60
CA TYR B 75 -16.80 -36.12 14.19
C TYR B 75 -18.04 -36.33 13.32
N ASP B 76 -18.23 -35.55 12.25
CA ASP B 76 -19.31 -35.77 11.29
C ASP B 76 -18.75 -36.49 10.06
N PRO B 77 -19.15 -37.74 9.81
CA PRO B 77 -18.59 -38.47 8.65
C PRO B 77 -19.14 -38.01 7.34
N LYS B 78 -20.18 -37.19 7.32
CA LYS B 78 -20.69 -36.69 6.06
C LYS B 78 -19.91 -35.48 5.60
N ASP B 79 -19.79 -34.45 6.47
CA ASP B 79 -19.01 -33.27 6.15
C ASP B 79 -17.53 -33.47 6.40
N GLY B 80 -17.14 -34.58 7.05
CA GLY B 80 -15.75 -34.95 7.14
C GLY B 80 -14.95 -34.04 8.06
N LEU B 81 -15.54 -33.59 9.15
CA LEU B 81 -14.76 -32.75 10.06
C LEU B 81 -15.25 -32.91 11.48
N TYR B 82 -14.35 -32.58 12.40
CA TYR B 82 -14.68 -32.52 13.82
C TYR B 82 -15.46 -31.23 14.07
N LYS B 83 -16.68 -31.37 14.58
CA LYS B 83 -17.56 -30.23 14.74
C LYS B 83 -17.74 -29.91 16.22
N MET B 84 -17.67 -28.63 16.55
CA MET B 84 -18.04 -28.21 17.90
C MET B 84 -19.55 -28.08 17.96
N MET B 85 -20.11 -28.50 19.09
CA MET B 85 -21.53 -28.39 19.36
C MET B 85 -21.73 -27.97 20.80
N GLU B 86 -22.88 -27.38 21.09
CA GLU B 86 -23.28 -26.97 22.45
C GLU B 86 -24.27 -28.04 22.95
N GLU B 87 -24.13 -28.48 24.21
CA GLU B 87 -25.00 -29.46 24.89
C GLU B 87 -25.92 -28.64 25.80
N ARG B 88 -27.24 -28.67 25.62
CA ARG B 88 -28.12 -27.81 26.45
C ARG B 88 -28.50 -28.51 27.76
N ASP B 89 -28.23 -29.80 27.89
CA ASP B 89 -28.57 -30.58 29.08
C ASP B 89 -27.36 -30.60 30.00
N GLY B 90 -27.34 -29.67 30.96
CA GLY B 90 -26.19 -29.54 31.84
C GLY B 90 -25.94 -30.77 32.69
N ALA B 91 -27.02 -31.48 33.01
CA ALA B 91 -27.07 -32.72 33.79
C ALA B 91 -26.31 -33.83 33.06
N LYS B 92 -26.66 -34.05 31.80
CA LYS B 92 -26.05 -35.05 30.89
C LYS B 92 -24.57 -34.74 30.72
N PHE B 93 -24.25 -33.47 30.49
CA PHE B 93 -22.87 -33.00 30.21
C PHE B 93 -21.97 -33.21 31.43
N GLU B 94 -22.40 -32.71 32.58
CA GLU B 94 -21.63 -32.78 33.85
C GLU B 94 -21.38 -34.26 34.14
N ASN B 95 -22.38 -35.11 33.91
CA ASN B 95 -22.34 -36.57 34.12
C ASN B 95 -21.30 -37.19 33.21
N ILE B 96 -21.35 -36.89 31.91
CA ILE B 96 -20.41 -37.37 30.85
C ILE B 96 -18.96 -36.99 31.19
N VAL B 97 -18.72 -35.73 31.59
CA VAL B 97 -17.37 -35.17 31.88
C VAL B 97 -16.85 -35.89 33.11
N HIS B 98 -17.72 -36.10 34.05
CA HIS B 98 -17.33 -36.85 35.25
C HIS B 98 -16.89 -38.27 34.91
N ASN B 99 -17.78 -39.03 34.22
CA ASN B 99 -17.54 -40.47 33.89
C ASN B 99 -16.20 -40.52 33.18
N PHE B 100 -15.96 -39.60 32.23
CA PHE B 100 -14.72 -39.51 31.39
C PHE B 100 -13.50 -39.14 32.24
N LYS B 101 -13.64 -38.25 33.24
CA LYS B 101 -12.50 -37.89 34.13
C LYS B 101 -12.11 -39.14 34.89
N GLU B 102 -13.10 -39.93 35.30
CA GLU B 102 -12.86 -41.14 36.08
C GLU B 102 -12.07 -42.18 35.30
N ARG B 103 -12.40 -42.35 34.03
CA ARG B 103 -11.70 -43.32 33.19
C ARG B 103 -10.41 -42.78 32.58
N GLN B 104 -10.04 -41.54 32.92
CA GLN B 104 -8.80 -40.92 32.44
C GLN B 104 -8.70 -40.97 30.91
N MET B 105 -9.80 -40.59 30.26
CA MET B 105 -9.86 -40.59 28.81
C MET B 105 -9.70 -39.20 28.23
N MET B 106 -9.54 -38.20 29.09
CA MET B 106 -9.38 -36.84 28.58
C MET B 106 -7.95 -36.44 28.88
N VAL B 107 -7.32 -35.71 27.99
CA VAL B 107 -5.98 -35.15 28.24
C VAL B 107 -6.24 -33.89 29.09
N SER B 108 -5.24 -33.47 29.84
CA SER B 108 -5.31 -32.30 30.72
C SER B 108 -4.61 -31.14 30.02
N TYR B 109 -5.24 -29.96 29.93
CA TYR B 109 -4.65 -28.76 29.30
C TYR B 109 -3.28 -28.59 29.97
N PRO B 110 -2.12 -28.67 29.28
CA PRO B 110 -0.84 -28.74 29.96
C PRO B 110 -0.20 -27.36 30.13
N LYS B 111 -0.73 -26.60 31.06
CA LYS B 111 -0.21 -25.24 31.29
C LYS B 111 0.85 -25.25 32.39
N ILE B 112 1.99 -24.58 32.18
CA ILE B 112 2.99 -24.40 33.21
C ILE B 112 2.59 -23.23 34.10
N ASP B 113 2.79 -23.38 35.41
CA ASP B 113 2.27 -22.37 36.33
C ASP B 113 2.82 -20.98 36.02
N GLU B 114 4.14 -20.89 35.83
CA GLU B 114 4.80 -19.61 35.54
C GLU B 114 4.34 -18.95 34.24
N ASP B 115 3.66 -19.69 33.36
CA ASP B 115 3.58 -19.33 31.95
C ASP B 115 2.38 -18.42 31.70
N ASP B 116 2.65 -17.21 31.15
CA ASP B 116 1.58 -16.29 30.82
C ASP B 116 1.38 -16.17 29.31
N THR B 117 1.94 -17.10 28.51
CA THR B 117 1.90 -16.91 27.05
C THR B 117 0.49 -16.71 26.53
N TRP B 118 -0.46 -17.58 26.91
CA TRP B 118 -1.78 -17.48 26.30
C TRP B 118 -2.49 -16.19 26.71
N TYR B 119 -2.39 -15.81 28.00
CA TYR B 119 -2.92 -14.54 28.42
C TYR B 119 -2.31 -13.41 27.59
N ASN B 120 -1.01 -13.43 27.38
CA ASN B 120 -0.35 -12.34 26.69
C ASN B 120 -0.76 -12.27 25.22
N LEU B 121 -1.12 -13.41 24.63
CA LEU B 121 -1.57 -13.41 23.25
C LEU B 121 -3.05 -13.06 23.09
N THR B 122 -3.85 -13.14 24.15
CA THR B 122 -5.29 -12.96 24.07
C THR B 122 -5.80 -11.89 25.02
N GLU B 123 -4.90 -11.05 25.56
CA GLU B 123 -5.25 -10.07 26.59
C GLU B 123 -6.51 -9.29 26.25
N PHE B 124 -6.61 -8.80 25.00
CA PHE B 124 -7.72 -7.95 24.58
C PHE B 124 -8.76 -8.66 23.72
N VAL B 125 -8.65 -9.97 23.56
CA VAL B 125 -9.54 -10.73 22.69
C VAL B 125 -10.76 -11.16 23.49
N GLN B 126 -11.94 -10.84 22.97
N GLN B 126 -11.94 -10.81 22.98
CA GLN B 126 -13.20 -11.09 23.64
CA GLN B 126 -13.20 -11.09 23.63
C GLN B 126 -14.11 -11.87 22.70
C GLN B 126 -14.08 -11.89 22.68
N MET B 127 -14.75 -12.92 23.23
CA MET B 127 -15.63 -13.74 22.42
C MET B 127 -16.69 -12.91 21.71
N ASP B 128 -17.22 -11.89 22.37
CA ASP B 128 -18.27 -11.10 21.72
C ASP B 128 -17.75 -10.39 20.47
N LYS B 129 -16.50 -9.93 20.48
CA LYS B 129 -15.96 -9.31 19.28
C LYS B 129 -15.63 -10.34 18.22
N ILE B 130 -15.11 -11.50 18.62
CA ILE B 130 -14.91 -12.59 17.66
C ILE B 130 -16.21 -12.87 16.92
N ARG B 131 -17.33 -12.91 17.65
CA ARG B 131 -18.60 -13.28 17.03
C ARG B 131 -19.11 -12.22 16.06
N LYS B 132 -18.60 -10.99 16.14
CA LYS B 132 -18.95 -9.99 15.12
C LYS B 132 -18.06 -10.09 13.88
N ILE B 133 -16.82 -10.55 14.03
CA ILE B 133 -15.95 -10.79 12.89
C ILE B 133 -16.37 -12.05 12.16
N VAL B 134 -16.72 -13.10 12.89
CA VAL B 134 -17.15 -14.38 12.34
C VAL B 134 -18.63 -14.53 12.64
N ARG B 135 -19.48 -14.28 11.65
CA ARG B 135 -20.92 -14.16 11.90
C ARG B 135 -21.61 -15.50 11.69
N LYS B 136 -22.03 -16.13 12.79
CA LYS B 136 -22.88 -17.31 12.75
C LYS B 136 -23.68 -17.33 14.07
N ASP B 137 -24.73 -16.50 14.10
CA ASP B 137 -25.31 -16.08 15.37
C ASP B 137 -25.94 -17.22 16.14
N GLU B 138 -26.27 -18.33 15.48
CA GLU B 138 -26.93 -19.42 16.18
C GLU B 138 -25.99 -20.18 17.11
N ASN B 139 -24.67 -20.03 16.95
CA ASN B 139 -23.72 -20.69 17.83
C ASN B 139 -22.98 -19.67 18.69
N GLN B 140 -22.56 -20.11 19.88
CA GLN B 140 -21.80 -19.28 20.80
C GLN B 140 -20.29 -19.37 20.58
N PHE B 141 -19.85 -20.25 19.67
CA PHE B 141 -18.46 -20.45 19.32
C PHE B 141 -18.32 -20.13 17.82
N SER B 142 -17.08 -19.95 17.37
CA SER B 142 -16.82 -19.44 16.02
C SER B 142 -15.86 -20.31 15.25
N TYR B 143 -16.29 -20.80 14.08
CA TYR B 143 -15.43 -21.57 13.19
C TYR B 143 -14.58 -20.67 12.30
N VAL B 144 -13.30 -21.04 12.17
CA VAL B 144 -12.37 -20.37 11.26
C VAL B 144 -11.57 -21.47 10.58
N ASP B 145 -11.20 -21.24 9.31
CA ASP B 145 -10.32 -22.16 8.60
C ASP B 145 -9.31 -21.43 7.73
N SER B 146 -8.40 -22.21 7.14
CA SER B 146 -7.30 -21.64 6.38
C SER B 146 -7.80 -20.85 5.17
N SER B 147 -8.94 -21.23 4.60
CA SER B 147 -9.33 -20.68 3.30
C SER B 147 -10.26 -19.48 3.37
N MET B 148 -10.85 -19.17 4.52
CA MET B 148 -11.86 -18.12 4.61
C MET B 148 -11.27 -16.78 4.21
N THR B 149 -11.98 -16.04 3.37
CA THR B 149 -11.49 -14.74 2.94
C THR B 149 -12.11 -13.65 3.79
N THR B 150 -11.48 -12.48 3.73
CA THR B 150 -11.93 -11.33 4.49
C THR B 150 -12.83 -10.48 3.62
N VAL B 151 -13.66 -9.67 4.27
CA VAL B 151 -14.48 -8.70 3.55
C VAL B 151 -13.64 -7.88 2.58
N GLN B 152 -12.47 -7.41 3.02
CA GLN B 152 -11.64 -6.60 2.12
C GLN B 152 -11.12 -7.42 0.95
N GLU B 153 -10.73 -8.68 1.20
CA GLU B 153 -10.31 -9.53 0.11
C GLU B 153 -11.43 -9.74 -0.89
N ASN B 154 -12.68 -9.77 -0.40
CA ASN B 154 -13.83 -10.02 -1.27
C ASN B 154 -14.19 -8.81 -2.11
N GLU B 155 -13.79 -7.61 -1.69
CA GLU B 155 -14.06 -6.40 -2.47
C GLU B 155 -13.13 -6.29 -3.67
N LEU B 156 -11.97 -6.93 -3.63
CA LEU B 156 -10.97 -6.81 -4.69
C LEU B 156 -11.14 -7.90 -5.73
N SER B 161 -16.27 -16.09 -2.37
CA SER B 161 -17.17 -14.98 -2.63
C SER B 161 -18.51 -15.19 -1.94
N ASP B 162 -18.51 -16.03 -0.89
CA ASP B 162 -19.70 -16.30 -0.09
C ASP B 162 -19.66 -15.41 1.14
N PRO B 163 -20.55 -14.41 1.27
CA PRO B 163 -20.46 -13.51 2.43
C PRO B 163 -20.65 -14.19 3.77
N ALA B 164 -21.42 -15.29 3.82
CA ALA B 164 -21.71 -15.95 5.09
C ALA B 164 -20.47 -16.55 5.73
N HIS B 165 -19.45 -16.86 4.94
CA HIS B 165 -18.26 -17.59 5.38
C HIS B 165 -17.02 -16.69 5.43
N SER B 166 -17.22 -15.40 5.65
CA SER B 166 -16.16 -14.41 5.55
C SER B 166 -15.68 -13.95 6.91
N LEU B 167 -14.48 -13.39 6.94
CA LEU B 167 -13.94 -12.76 8.13
C LEU B 167 -14.17 -11.25 8.03
N ASN B 168 -15.07 -10.73 8.86
N ASN B 168 -15.04 -10.74 8.89
CA ASN B 168 -15.48 -9.33 8.77
CA ASN B 168 -15.50 -9.35 8.85
C ASN B 168 -14.57 -8.44 9.64
C ASN B 168 -14.57 -8.44 9.66
N TYR B 169 -13.29 -8.46 9.31
CA TYR B 169 -12.36 -7.54 9.95
C TYR B 169 -12.66 -6.13 9.48
N THR B 170 -12.29 -5.16 10.31
CA THR B 170 -12.44 -3.75 9.97
C THR B 170 -11.53 -3.41 8.79
N VAL B 171 -12.10 -2.78 7.75
CA VAL B 171 -11.34 -2.52 6.52
C VAL B 171 -10.41 -1.34 6.75
N ILE B 172 -9.14 -1.54 6.48
CA ILE B 172 -8.11 -0.53 6.57
C ILE B 172 -7.51 -0.36 5.19
N ASN B 173 -7.51 0.87 4.69
CA ASN B 173 -7.02 1.13 3.33
C ASN B 173 -6.42 2.53 3.32
N PHE B 174 -5.09 2.60 3.20
CA PHE B 174 -4.36 3.86 3.36
C PHE B 174 -4.60 4.82 2.21
N LYS B 175 -5.08 4.34 1.08
CA LYS B 175 -5.37 5.19 -0.10
C LYS B 175 -6.86 5.15 -0.36
N SER B 176 -7.62 5.71 0.58
CA SER B 176 -9.06 5.69 0.56
C SER B 176 -9.55 7.02 1.11
N ARG B 177 -10.76 7.40 0.72
CA ARG B 177 -11.31 8.64 1.25
C ARG B 177 -11.49 8.57 2.75
N GLU B 178 -11.76 7.38 3.30
CA GLU B 178 -11.87 7.27 4.75
C GLU B 178 -10.56 7.66 5.42
N ALA B 179 -9.44 7.34 4.79
CA ALA B 179 -8.12 7.59 5.39
C ALA B 179 -7.56 8.98 5.13
N ILE B 180 -8.14 9.73 4.18
CA ILE B 180 -7.54 10.95 3.65
C ILE B 180 -8.60 12.05 3.69
N ARG B 181 -8.39 13.07 4.55
CA ARG B 181 -9.29 14.21 4.57
C ARG B 181 -9.04 15.08 3.34
N PRO B 182 -10.09 15.46 2.60
CA PRO B 182 -9.91 16.44 1.53
C PRO B 182 -9.15 17.64 2.04
N GLY B 183 -8.16 18.08 1.26
CA GLY B 183 -7.31 19.17 1.66
C GLY B 183 -6.17 18.82 2.58
N HIS B 184 -6.12 17.59 3.10
CA HIS B 184 -5.02 17.15 3.94
C HIS B 184 -4.31 15.96 3.32
N GLU B 185 -4.27 15.90 2.00
CA GLU B 185 -3.80 14.69 1.30
C GLU B 185 -2.39 14.29 1.74
N MET B 186 -1.43 15.21 1.60
CA MET B 186 -0.07 14.85 1.96
C MET B 186 0.02 14.59 3.44
N GLU B 187 -0.58 15.48 4.22
CA GLU B 187 -0.48 15.36 5.67
C GLU B 187 -1.01 14.04 6.14
N ASP B 188 -2.21 13.66 5.68
CA ASP B 188 -2.84 12.43 6.20
C ASP B 188 -2.19 11.18 5.64
N PHE B 189 -1.63 11.26 4.45
CA PHE B 189 -0.97 10.10 3.86
C PHE B 189 0.37 9.84 4.53
N LEU B 190 1.09 10.91 4.89
CA LEU B 190 2.42 10.71 5.45
C LEU B 190 2.38 10.53 6.97
N ASP B 191 1.33 11.01 7.63
CA ASP B 191 1.13 10.88 9.08
C ASP B 191 -0.31 10.40 9.29
N LYS B 192 -0.48 9.14 9.64
CA LYS B 192 -1.82 8.57 9.65
C LYS B 192 -2.56 8.76 10.96
N SER B 193 -2.11 9.71 11.80
CA SER B 193 -2.69 9.88 13.12
C SER B 193 -4.20 10.18 13.09
N TYR B 194 -4.66 10.96 12.12
N TYR B 194 -4.64 11.00 12.13
N TYR B 194 -4.65 10.98 12.13
CA TYR B 194 -6.09 11.26 12.10
CA TYR B 194 -6.06 11.28 11.98
CA TYR B 194 -6.07 11.27 12.03
C TYR B 194 -6.91 10.01 11.77
C TYR B 194 -6.84 9.99 11.81
C TYR B 194 -6.86 9.99 11.80
N TYR B 195 -6.40 9.17 10.86
CA TYR B 195 -7.10 7.93 10.53
C TYR B 195 -7.07 6.97 11.70
N LEU B 196 -5.93 6.90 12.41
CA LEU B 196 -5.85 6.04 13.59
C LEU B 196 -6.74 6.55 14.70
N ASN B 197 -6.54 7.80 15.11
CA ASN B 197 -7.14 8.27 16.35
C ASN B 197 -8.58 8.71 16.18
N THR B 198 -8.91 9.37 15.06
CA THR B 198 -10.26 9.86 14.89
C THR B 198 -11.17 8.84 14.19
N VAL B 199 -10.75 8.34 13.03
CA VAL B 199 -11.59 7.44 12.25
C VAL B 199 -11.70 6.09 12.95
N MET B 200 -10.58 5.47 13.27
CA MET B 200 -10.62 4.08 13.72
C MET B 200 -10.88 3.98 15.22
N LEU B 201 -10.07 4.66 16.04
CA LEU B 201 -10.19 4.51 17.50
C LEU B 201 -11.43 5.21 18.05
N GLN B 202 -11.60 6.50 17.77
N GLN B 202 -11.60 6.50 17.77
CA GLN B 202 -12.78 7.20 18.28
CA GLN B 202 -12.78 7.18 18.29
C GLN B 202 -14.04 6.75 17.57
C GLN B 202 -14.06 6.77 17.57
N GLY B 203 -13.99 6.62 16.24
CA GLY B 203 -15.15 6.31 15.44
C GLY B 203 -15.61 4.87 15.36
N ILE B 204 -14.70 3.94 15.08
CA ILE B 204 -15.07 2.57 14.78
C ILE B 204 -14.83 1.64 15.95
N PHE B 205 -13.63 1.63 16.51
CA PHE B 205 -13.33 0.68 17.59
C PHE B 205 -13.76 1.19 18.95
N LYS B 206 -13.90 2.50 19.10
CA LYS B 206 -14.31 3.14 20.35
C LYS B 206 -13.17 3.23 21.37
N ASN B 207 -12.29 2.24 21.42
CA ASN B 207 -11.16 2.32 22.34
C ASN B 207 -10.04 1.42 21.84
N SER B 208 -8.85 1.59 22.44
CA SER B 208 -7.68 0.86 21.98
C SER B 208 -7.77 -0.62 22.34
N SER B 209 -8.49 -0.96 23.42
CA SER B 209 -8.64 -2.38 23.75
C SER B 209 -9.30 -3.17 22.63
N ASN B 210 -10.37 -2.62 22.02
CA ASN B 210 -11.01 -3.31 20.91
C ASN B 210 -10.10 -3.41 19.68
N TYR B 211 -9.36 -2.33 19.39
CA TYR B 211 -8.38 -2.39 18.31
C TYR B 211 -7.36 -3.48 18.55
N PHE B 212 -6.77 -3.52 19.75
CA PHE B 212 -5.80 -4.56 20.04
C PHE B 212 -6.41 -5.94 20.01
N GLY B 213 -7.67 -6.07 20.42
CA GLY B 213 -8.31 -7.38 20.35
C GLY B 213 -8.38 -7.91 18.95
N GLU B 214 -8.81 -7.06 18.01
CA GLU B 214 -8.88 -7.51 16.61
C GLU B 214 -7.49 -7.80 16.06
N LEU B 215 -6.50 -6.97 16.41
CA LEU B 215 -5.13 -7.22 15.96
C LEU B 215 -4.65 -8.58 16.47
N GLN B 216 -4.92 -8.89 17.75
CA GLN B 216 -4.48 -10.15 18.33
C GLN B 216 -5.21 -11.35 17.71
N PHE B 217 -6.51 -11.21 17.49
CA PHE B 217 -7.29 -12.25 16.83
C PHE B 217 -6.79 -12.49 15.40
N ALA B 218 -6.50 -11.42 14.66
CA ALA B 218 -5.97 -11.58 13.31
C ALA B 218 -4.66 -12.36 13.32
N PHE B 219 -3.72 -11.99 14.20
CA PHE B 219 -2.48 -12.73 14.28
C PHE B 219 -2.73 -14.21 14.57
N LEU B 220 -3.60 -14.50 15.54
CA LEU B 220 -3.77 -15.90 15.93
C LEU B 220 -4.38 -16.73 14.80
N ASN B 221 -5.29 -16.12 14.02
CA ASN B 221 -5.83 -16.85 12.86
CA ASN B 221 -5.84 -16.83 12.86
C ASN B 221 -4.77 -17.04 11.81
N ALA B 222 -3.90 -16.04 11.61
CA ALA B 222 -2.80 -16.21 10.67
C ALA B 222 -1.91 -17.37 11.13
N MET B 223 -1.57 -17.39 12.41
CA MET B 223 -0.59 -18.36 12.88
C MET B 223 -1.19 -19.77 12.94
N PHE B 224 -2.40 -19.92 13.47
CA PHE B 224 -2.93 -21.25 13.67
C PHE B 224 -3.52 -21.84 12.41
N PHE B 225 -4.03 -21.01 11.49
CA PHE B 225 -4.69 -21.57 10.30
C PHE B 225 -3.99 -21.21 9.00
N GLY B 226 -2.92 -20.42 9.07
CA GLY B 226 -2.33 -19.93 7.82
C GLY B 226 -3.31 -19.14 7.00
N ASN B 227 -4.15 -18.36 7.67
CA ASN B 227 -5.19 -17.58 6.99
C ASN B 227 -4.55 -16.32 6.47
N TYR B 228 -4.45 -16.21 5.14
CA TYR B 228 -3.68 -15.12 4.55
C TYR B 228 -4.32 -13.77 4.79
N GLY B 229 -5.64 -13.67 4.69
CA GLY B 229 -6.26 -12.37 4.90
C GLY B 229 -6.13 -11.89 6.33
N SER B 230 -6.04 -12.83 7.27
CA SER B 230 -5.80 -12.45 8.66
C SER B 230 -4.38 -11.93 8.84
N SER B 231 -3.39 -12.53 8.19
CA SER B 231 -2.06 -11.96 8.22
C SER B 231 -2.05 -10.54 7.65
N LEU B 232 -2.72 -10.33 6.52
CA LEU B 232 -2.81 -8.99 5.96
C LEU B 232 -3.40 -8.01 6.97
N GLN B 233 -4.46 -8.42 7.69
CA GLN B 233 -5.10 -7.54 8.66
C GLN B 233 -4.14 -7.20 9.79
N TRP B 234 -3.47 -8.21 10.33
CA TRP B 234 -2.52 -8.00 11.42
C TRP B 234 -1.48 -6.96 11.03
N HIS B 235 -0.88 -7.12 9.85
CA HIS B 235 0.17 -6.18 9.45
C HIS B 235 -0.39 -4.80 9.21
N ALA B 236 -1.60 -4.69 8.66
CA ALA B 236 -2.21 -3.38 8.42
C ALA B 236 -2.47 -2.65 9.72
N MET B 237 -2.89 -3.37 10.76
CA MET B 237 -3.16 -2.72 12.03
C MET B 237 -1.88 -2.29 12.74
N ILE B 238 -0.80 -3.04 12.55
CA ILE B 238 0.51 -2.60 13.03
C ILE B 238 0.97 -1.37 12.26
N GLU B 239 0.92 -1.44 10.93
CA GLU B 239 1.43 -0.34 10.12
C GLU B 239 0.67 0.94 10.41
N LEU B 240 -0.65 0.87 10.64
CA LEU B 240 -1.40 2.07 10.94
C LEU B 240 -0.90 2.78 12.19
N ILE B 241 -0.59 2.02 13.24
CA ILE B 241 -0.03 2.64 14.45
C ILE B 241 1.36 3.18 14.20
N CYS B 242 2.24 2.40 13.59
CA CYS B 242 3.62 2.82 13.43
C CYS B 242 3.72 4.04 12.53
N SER B 243 2.81 4.17 11.55
CA SER B 243 2.81 5.29 10.62
C SER B 243 2.06 6.51 11.13
N SER B 244 1.71 6.54 12.40
CA SER B 244 1.09 7.69 13.05
C SER B 244 2.14 8.36 13.92
N ALA B 245 2.31 9.69 13.73
CA ALA B 245 3.23 10.43 14.56
C ALA B 245 2.68 10.62 15.96
N THR B 246 1.36 10.63 16.12
CA THR B 246 0.74 10.91 17.41
C THR B 246 -0.05 9.69 17.85
N VAL B 247 0.44 9.01 18.88
CA VAL B 247 -0.16 7.78 19.40
C VAL B 247 -0.08 7.87 20.90
N PRO B 248 -1.17 7.65 21.64
CA PRO B 248 -1.09 7.63 23.10
C PRO B 248 0.03 6.72 23.61
N LYS B 249 0.76 7.21 24.62
CA LYS B 249 1.96 6.54 25.06
C LYS B 249 1.64 5.16 25.63
N HIS B 250 0.48 5.02 26.26
CA HIS B 250 0.09 3.73 26.79
C HIS B 250 -0.18 2.73 25.68
N MET B 251 -0.61 3.22 24.50
CA MET B 251 -0.86 2.31 23.40
C MET B 251 0.44 1.80 22.81
N LEU B 252 1.44 2.67 22.72
CA LEU B 252 2.73 2.24 22.19
C LEU B 252 3.38 1.23 23.12
N ASP B 253 3.33 1.49 24.42
CA ASP B 253 3.91 0.52 25.34
C ASP B 253 3.20 -0.82 25.25
N LYS B 254 1.87 -0.80 25.18
CA LYS B 254 1.14 -2.04 25.08
C LYS B 254 1.40 -2.73 23.74
N LEU B 255 1.49 -1.96 22.65
CA LEU B 255 1.76 -2.62 21.36
C LEU B 255 3.09 -3.34 21.41
N ASP B 256 4.10 -2.74 22.03
CA ASP B 256 5.40 -3.40 22.10
C ASP B 256 5.29 -4.75 22.80
N GLU B 257 4.51 -4.82 23.89
CA GLU B 257 4.32 -6.08 24.60
C GLU B 257 3.54 -7.07 23.75
N ILE B 258 2.52 -6.60 23.06
CA ILE B 258 1.69 -7.49 22.27
C ILE B 258 2.52 -8.14 21.18
N LEU B 259 3.26 -7.35 20.46
CA LEU B 259 4.04 -7.87 19.34
C LEU B 259 5.19 -8.74 19.84
N TYR B 260 5.80 -8.37 20.97
CA TYR B 260 6.85 -9.20 21.53
C TYR B 260 6.40 -10.64 21.68
N TYR B 261 5.23 -10.84 22.31
CA TYR B 261 4.75 -12.19 22.58
C TYR B 261 4.32 -12.88 21.30
N GLN B 262 3.86 -12.12 20.31
CA GLN B 262 3.50 -12.75 19.04
C GLN B 262 4.74 -13.25 18.35
N ILE B 263 5.79 -12.43 18.31
CA ILE B 263 7.04 -12.84 17.66
C ILE B 263 7.68 -13.99 18.43
N LYS B 264 7.58 -13.96 19.76
CA LYS B 264 8.15 -15.05 20.55
C LYS B 264 7.49 -16.39 20.23
N THR B 265 6.18 -16.39 20.01
CA THR B 265 5.41 -17.63 19.82
C THR B 265 5.43 -18.10 18.38
N LEU B 266 5.61 -17.19 17.43
CA LEU B 266 5.62 -17.57 16.02
C LEU B 266 6.60 -18.71 15.78
N PRO B 267 6.18 -19.81 15.16
CA PRO B 267 7.15 -20.85 14.80
C PRO B 267 8.23 -20.32 13.88
N GLU B 268 9.47 -20.68 14.17
CA GLU B 268 10.59 -20.20 13.37
C GLU B 268 10.40 -20.59 11.91
N GLN B 269 9.94 -21.81 11.66
CA GLN B 269 9.85 -22.30 10.28
C GLN B 269 8.69 -21.68 9.51
N TYR B 270 7.85 -20.86 10.13
CA TYR B 270 6.77 -20.16 9.45
C TYR B 270 7.06 -18.67 9.29
N SER B 271 8.18 -18.19 9.82
CA SER B 271 8.45 -16.76 9.78
C SER B 271 8.54 -16.24 8.37
N ASP B 272 8.97 -17.08 7.42
CA ASP B 272 9.17 -16.64 6.04
C ASP B 272 7.86 -16.22 5.38
N ILE B 273 6.75 -16.88 5.74
CA ILE B 273 5.46 -16.58 5.12
C ILE B 273 4.59 -15.69 6.00
N LEU B 274 4.79 -15.74 7.32
CA LEU B 274 3.92 -15.00 8.22
C LEU B 274 4.41 -13.59 8.53
N LEU B 275 5.64 -13.22 8.15
CA LEU B 275 6.15 -11.88 8.44
C LEU B 275 6.42 -11.16 7.13
N ASN B 276 5.87 -9.96 6.98
CA ASN B 276 6.04 -9.16 5.78
C ASN B 276 7.27 -8.27 5.96
N GLU B 277 8.31 -8.54 5.16
CA GLU B 277 9.55 -7.79 5.25
C GLU B 277 9.30 -6.28 5.21
N ARG B 278 8.51 -5.81 4.26
CA ARG B 278 8.34 -4.38 4.08
C ARG B 278 7.78 -3.73 5.34
N VAL B 279 6.70 -4.30 5.87
CA VAL B 279 6.05 -3.70 7.03
C VAL B 279 6.99 -3.66 8.22
N TRP B 280 7.70 -4.76 8.48
CA TRP B 280 8.51 -4.81 9.70
C TRP B 280 9.71 -3.87 9.60
N ASN B 281 10.39 -3.84 8.45
CA ASN B 281 11.48 -2.89 8.31
C ASN B 281 11.00 -1.45 8.40
N ILE B 282 9.90 -1.13 7.73
CA ILE B 282 9.34 0.22 7.86
C ILE B 282 9.04 0.52 9.32
N CYS B 283 8.37 -0.40 10.00
CA CYS B 283 7.91 -0.12 11.36
C CYS B 283 9.06 0.01 12.35
N LEU B 284 10.07 -0.85 12.25
CA LEU B 284 11.14 -0.84 13.23
C LEU B 284 12.24 0.17 12.93
N TYR B 285 12.36 0.62 11.68
CA TYR B 285 13.54 1.39 11.27
C TYR B 285 13.23 2.71 10.58
N SER B 286 12.05 2.90 10.00
CA SER B 286 11.73 4.12 9.27
C SER B 286 10.55 4.90 9.83
N SER B 287 9.65 4.26 10.56
CA SER B 287 8.39 4.90 10.92
C SER B 287 8.58 5.88 12.07
N PHE B 288 7.52 6.65 12.33
CA PHE B 288 7.52 7.53 13.47
C PHE B 288 7.82 6.78 14.76
N GLN B 289 7.46 5.49 14.82
CA GLN B 289 7.57 4.71 16.05
C GLN B 289 8.79 3.79 16.04
N LYS B 290 9.75 4.05 15.15
CA LYS B 290 10.95 3.23 15.03
C LYS B 290 11.71 3.08 16.33
N ASN B 291 11.53 4.02 17.28
CA ASN B 291 12.25 4.00 18.54
C ASN B 291 11.33 3.77 19.73
N SER B 292 10.13 3.23 19.49
CA SER B 292 9.14 3.03 20.53
C SER B 292 8.81 1.57 20.79
N LEU B 293 9.46 0.64 20.09
CA LEU B 293 9.10 -0.77 20.22
C LEU B 293 10.34 -1.54 20.60
N HIS B 294 10.87 -1.25 21.79
CA HIS B 294 12.20 -1.75 22.15
C HIS B 294 12.21 -3.26 22.30
N ASN B 295 11.20 -3.81 22.98
CA ASN B 295 11.18 -5.24 23.22
C ASN B 295 11.00 -6.00 21.92
N THR B 296 10.10 -5.48 21.08
CA THR B 296 9.84 -6.12 19.80
C THR B 296 11.04 -6.04 18.89
N GLU B 297 11.70 -4.89 18.82
CA GLU B 297 12.89 -4.79 17.99
C GLU B 297 13.99 -5.73 18.50
N LYS B 298 14.14 -5.85 19.81
CA LYS B 298 15.18 -6.74 20.31
C LYS B 298 14.92 -8.21 19.97
N ILE B 299 13.67 -8.68 20.11
CA ILE B 299 13.43 -10.08 19.81
C ILE B 299 13.49 -10.32 18.30
N MET B 300 13.00 -9.37 17.51
CA MET B 300 13.08 -9.52 16.06
C MET B 300 14.54 -9.60 15.61
N GLU B 301 15.39 -8.71 16.12
CA GLU B 301 16.79 -8.72 15.69
C GLU B 301 17.53 -9.97 16.13
N ASN B 302 17.14 -10.59 17.26
CA ASN B 302 17.82 -11.79 17.75
C ASN B 302 17.23 -13.08 17.19
N LYS B 303 15.97 -13.06 16.79
CA LYS B 303 15.32 -14.26 16.27
C LYS B 303 15.23 -14.27 14.75
N TYR B 304 14.98 -13.13 14.12
CA TYR B 304 14.78 -13.10 12.66
C TYR B 304 15.62 -11.99 12.03
N PRO B 305 16.94 -11.98 12.27
CA PRO B 305 17.78 -10.94 11.66
C PRO B 305 17.83 -11.03 10.14
N GLU B 306 17.48 -12.18 9.57
CA GLU B 306 17.51 -12.33 8.11
C GLU B 306 16.45 -11.44 7.46
N LEU B 307 15.20 -11.56 7.91
CA LEU B 307 14.13 -10.73 7.38
C LEU B 307 14.51 -9.26 7.34
N LEU B 308 15.30 -8.82 8.30
CA LEU B 308 15.73 -7.43 8.37
C LEU B 308 17.15 -7.31 7.83
#